data_2FKK
#
_entry.id   2FKK
#
_cell.length_a   69.843
_cell.length_b   69.843
_cell.length_c   119.672
_cell.angle_alpha   90.00
_cell.angle_beta   90.00
_cell.angle_gamma   120.00
#
_symmetry.space_group_name_H-M   'P 3 2 1'
#
loop_
_entity.id
_entity.type
_entity.pdbx_description
1 polymer 'Baseplate structural protein Gp10'
2 non-polymer 'BROMIDE ION'
3 non-polymer 'PHOSPHITE ION'
4 non-polymer 2-AMINO-2-HYDROXYMETHYL-PROPANE-1,3-DIOL
5 non-polymer 1,2-ETHANEDIOL
6 water water
#
_entity_poly.entity_id   1
_entity_poly.type   'polypeptide(L)'
_entity_poly.pdbx_seq_one_letter_code
;DEIIDETDNLYVSQGPGVDISGDVNLTDFDKIGWPNVEAVQSYQREFNAVSNIFDTIYPIGTIYENAVNPNNPVTYMGFG
SWKLFGQGKVLVGWNEDISDPNFALNNNDLDSGGNPSHTAGGTGGSTSVTLENTNLPATETDEEVLIVDENGSVIVGGCQ
YDPDESGPIYTKYREAKASTNSTHTPPTSITNIQPYITVYRWIRIA
;
_entity_poly.pdbx_strand_id   A
#
# COMPACT_ATOMS: atom_id res chain seq x y z
N LEU A 10 -44.82 15.31 -1.99
CA LEU A 10 -44.22 16.14 -0.99
C LEU A 10 -42.69 16.21 -1.25
N TYR A 11 -42.04 17.06 -0.50
CA TYR A 11 -40.66 17.44 -0.73
C TYR A 11 -39.76 17.05 0.41
N VAL A 12 -38.47 16.86 0.07
CA VAL A 12 -37.48 16.48 1.08
C VAL A 12 -37.15 17.68 1.93
N SER A 13 -37.30 17.60 3.23
CA SER A 13 -36.89 18.67 4.13
C SER A 13 -35.39 18.80 4.22
N GLN A 14 -34.89 20.01 4.32
CA GLN A 14 -33.47 20.24 4.59
C GLN A 14 -33.02 19.66 5.90
N GLY A 15 -33.88 19.62 6.86
CA GLY A 15 -33.59 19.10 8.22
C GLY A 15 -32.79 20.13 8.95
N PRO A 16 -32.40 19.76 10.15
CA PRO A 16 -31.56 20.66 10.90
C PRO A 16 -30.20 20.49 10.16
N GLY A 17 -29.64 21.63 10.11
CA GLY A 17 -28.28 21.64 9.56
C GLY A 17 -27.37 20.85 10.48
N VAL A 18 -26.15 20.65 10.01
CA VAL A 18 -25.16 19.88 10.76
C VAL A 18 -23.90 20.70 10.92
N ASP A 19 -23.30 20.52 12.08
CA ASP A 19 -22.01 21.17 12.37
C ASP A 19 -20.88 20.28 11.83
N ILE A 20 -20.26 20.71 10.77
CA ILE A 20 -19.13 20.04 10.13
C ILE A 20 -17.88 20.56 10.81
N SER A 21 -17.38 19.77 11.75
CA SER A 21 -16.27 20.15 12.58
C SER A 21 -14.98 19.47 12.23
N GLY A 22 -15.04 18.46 11.38
CA GLY A 22 -13.90 17.61 11.05
C GLY A 22 -13.52 17.55 9.61
N ASP A 23 -13.92 18.52 8.82
CA ASP A 23 -13.55 18.53 7.39
C ASP A 23 -12.05 18.85 7.24
N VAL A 24 -11.54 18.45 6.08
CA VAL A 24 -10.17 18.77 5.68
C VAL A 24 -10.19 19.25 4.24
N ASN A 25 -9.11 19.98 3.89
CA ASN A 25 -8.81 20.33 2.51
C ASN A 25 -7.36 19.94 2.22
N LEU A 26 -7.13 19.66 0.94
CA LEU A 26 -5.79 19.45 0.46
C LEU A 26 -5.07 20.75 0.18
N THR A 27 -3.78 20.78 0.41
CA THR A 27 -2.96 21.90 0.07
C THR A 27 -1.90 21.58 -1.00
N ASP A 28 -2.01 20.39 -1.63
CA ASP A 28 -1.23 20.01 -2.77
C ASP A 28 -2.12 19.04 -3.56
N PHE A 29 -2.31 19.33 -4.84
CA PHE A 29 -3.09 18.49 -5.70
C PHE A 29 -2.26 17.65 -6.66
N ASP A 30 -0.95 17.84 -6.63
CA ASP A 30 0.00 17.09 -7.42
C ASP A 30 0.37 15.83 -6.61
N LYS A 31 1.25 15.99 -5.64
CA LYS A 31 1.48 14.94 -4.68
C LYS A 31 0.36 15.05 -3.64
N ILE A 32 -0.45 14.01 -3.52
CA ILE A 32 -1.60 13.99 -2.63
C ILE A 32 -1.25 13.39 -1.30
N GLY A 33 -1.71 14.00 -0.22
CA GLY A 33 -1.67 13.42 1.08
C GLY A 33 -0.91 14.19 2.09
N TRP A 34 -0.94 13.70 3.32
CA TRP A 34 -0.14 14.25 4.40
C TRP A 34 1.29 14.35 3.97
N PRO A 35 1.99 15.44 4.22
CA PRO A 35 1.62 16.52 5.17
C PRO A 35 0.75 17.60 4.63
N ASN A 36 0.42 17.57 3.33
CA ASN A 36 -0.28 18.67 2.64
C ASN A 36 -1.79 18.53 2.73
N VAL A 37 -2.27 18.55 3.96
CA VAL A 37 -3.70 18.47 4.33
C VAL A 37 -3.88 19.46 5.44
N GLU A 38 -5.01 20.17 5.43
CA GLU A 38 -5.29 21.14 6.49
C GLU A 38 -6.70 20.92 7.02
N ALA A 39 -6.82 21.16 8.34
CA ALA A 39 -8.13 21.12 8.98
C ALA A 39 -8.93 22.37 8.56
N VAL A 40 -10.19 22.22 8.42
CA VAL A 40 -11.18 23.27 8.16
C VAL A 40 -11.90 23.56 9.47
N GLN A 41 -11.93 24.88 9.80
CA GLN A 41 -12.66 25.29 10.98
C GLN A 41 -14.13 24.89 10.88
N SER A 42 -14.73 24.63 12.02
CA SER A 42 -16.13 24.19 12.04
C SER A 42 -17.01 25.13 11.26
N TYR A 43 -17.93 24.58 10.52
CA TYR A 43 -18.93 25.37 9.85
C TYR A 43 -20.23 24.60 9.81
N GLN A 44 -21.31 25.38 9.65
CA GLN A 44 -22.65 24.78 9.50
C GLN A 44 -22.93 24.43 8.07
N ARG A 45 -23.35 23.19 7.80
CA ARG A 45 -23.84 22.80 6.52
C ARG A 45 -25.35 22.73 6.61
N GLU A 46 -25.98 23.54 5.72
CA GLU A 46 -27.39 23.46 5.49
C GLU A 46 -27.59 22.78 4.12
N PHE A 47 -28.61 21.93 4.06
CA PHE A 47 -28.87 21.18 2.82
C PHE A 47 -29.79 21.99 1.90
N ASN A 48 -29.24 23.12 1.45
CA ASN A 48 -29.98 23.98 0.56
C ASN A 48 -30.29 23.36 -0.81
N ALA A 49 -29.37 22.55 -1.28
CA ALA A 49 -29.50 21.97 -2.62
C ALA A 49 -28.81 20.62 -2.64
N VAL A 50 -29.02 19.92 -3.76
CA VAL A 50 -28.38 18.61 -3.93
C VAL A 50 -26.88 18.65 -3.76
N SER A 51 -26.21 19.72 -4.20
CA SER A 51 -24.77 19.79 -4.04
C SER A 51 -24.33 19.62 -2.58
N ASN A 52 -25.10 20.20 -1.64
CA ASN A 52 -24.79 20.06 -0.23
C ASN A 52 -24.95 18.63 0.28
N ILE A 53 -25.96 17.92 -0.21
CA ILE A 53 -26.09 16.49 0.08
C ILE A 53 -24.88 15.73 -0.44
N PHE A 54 -24.49 16.02 -1.66
CA PHE A 54 -23.33 15.37 -2.29
C PHE A 54 -22.10 15.54 -1.40
N ASP A 55 -21.89 16.75 -0.85
CA ASP A 55 -20.73 17.00 -0.02
C ASP A 55 -20.75 16.21 1.28
N THR A 56 -21.93 15.91 1.80
CA THR A 56 -22.08 15.09 2.98
C THR A 56 -21.85 13.61 2.69
N ILE A 57 -22.14 13.15 1.49
CA ILE A 57 -21.90 11.76 1.10
C ILE A 57 -20.50 11.52 0.66
N TYR A 58 -19.96 12.39 -0.14
CA TYR A 58 -18.59 12.30 -0.71
C TYR A 58 -17.79 13.53 -0.31
N PRO A 59 -17.45 13.62 0.98
CA PRO A 59 -16.56 14.71 1.41
C PRO A 59 -15.17 14.60 0.78
N ILE A 60 -14.43 15.68 0.83
CA ILE A 60 -13.05 15.67 0.36
C ILE A 60 -12.29 14.51 0.99
N GLY A 61 -11.56 13.81 0.16
CA GLY A 61 -10.77 12.64 0.55
C GLY A 61 -11.46 11.33 0.32
N THR A 62 -12.75 11.34 0.03
CA THR A 62 -13.48 10.10 -0.20
C THR A 62 -12.88 9.32 -1.34
N ILE A 63 -12.79 8.00 -1.11
CA ILE A 63 -12.42 7.07 -2.17
C ILE A 63 -13.66 6.50 -2.84
N TYR A 64 -13.72 6.60 -4.15
CA TYR A 64 -14.81 6.12 -4.96
C TYR A 64 -14.26 5.14 -5.98
N GLU A 65 -14.95 4.02 -6.20
CA GLU A 65 -14.50 3.02 -7.16
C GLU A 65 -15.64 2.64 -8.10
N ASN A 66 -15.30 2.50 -9.38
CA ASN A 66 -16.23 2.09 -10.41
C ASN A 66 -15.54 1.00 -11.20
N ALA A 67 -16.22 -0.14 -11.42
CA ALA A 67 -15.62 -1.24 -12.12
C ALA A 67 -15.38 -0.99 -13.59
N VAL A 68 -16.24 -0.21 -14.22
CA VAL A 68 -16.31 -0.16 -15.68
C VAL A 68 -16.25 1.19 -16.30
N ASN A 69 -16.62 2.27 -15.58
CA ASN A 69 -16.71 3.59 -16.15
C ASN A 69 -15.30 4.20 -16.11
N PRO A 70 -14.69 4.49 -17.27
CA PRO A 70 -13.31 5.01 -17.24
C PRO A 70 -13.27 6.51 -17.00
N ASN A 71 -14.39 7.19 -17.05
CA ASN A 71 -14.39 8.64 -17.13
C ASN A 71 -14.17 9.28 -15.78
N ASN A 72 -13.87 10.56 -15.74
CA ASN A 72 -13.79 11.25 -14.47
C ASN A 72 -15.15 11.27 -13.80
N PRO A 73 -15.27 10.95 -12.53
CA PRO A 73 -16.62 10.92 -11.89
C PRO A 73 -17.40 12.19 -12.03
N VAL A 74 -16.81 13.37 -12.16
CA VAL A 74 -17.68 14.56 -12.30
C VAL A 74 -18.59 14.44 -13.53
N THR A 75 -18.13 13.75 -14.55
CA THR A 75 -18.89 13.65 -15.78
C THR A 75 -20.09 12.73 -15.68
N TYR A 76 -20.16 11.90 -14.64
CA TYR A 76 -21.30 11.04 -14.46
C TYR A 76 -21.97 11.12 -13.11
N MET A 77 -21.44 11.94 -12.21
CA MET A 77 -22.06 12.30 -10.97
C MET A 77 -22.58 13.72 -10.97
N GLY A 78 -21.86 14.62 -11.60
CA GLY A 78 -22.24 16.02 -11.63
C GLY A 78 -21.52 16.92 -10.70
N PHE A 79 -20.78 16.40 -9.70
CA PHE A 79 -20.25 17.15 -8.62
C PHE A 79 -18.81 16.64 -8.29
N GLY A 80 -18.05 17.52 -7.67
CA GLY A 80 -16.75 17.22 -7.15
C GLY A 80 -15.64 17.34 -8.17
N SER A 81 -14.41 17.42 -7.63
CA SER A 81 -13.20 17.30 -8.39
C SER A 81 -12.50 16.02 -7.97
N TRP A 82 -12.07 15.21 -8.91
CA TRP A 82 -11.62 13.86 -8.67
C TRP A 82 -10.34 13.57 -9.39
N LYS A 83 -9.51 12.73 -8.79
CA LYS A 83 -8.22 12.29 -9.35
C LYS A 83 -8.06 10.81 -9.14
N LEU A 84 -7.41 10.13 -10.06
CA LEU A 84 -7.15 8.69 -9.85
C LEU A 84 -6.34 8.52 -8.59
N PHE A 85 -6.59 7.46 -7.83
CA PHE A 85 -5.95 7.23 -6.57
C PHE A 85 -5.50 5.79 -6.39
N GLY A 86 -4.29 5.64 -5.89
CA GLY A 86 -3.81 4.29 -5.57
C GLY A 86 -3.66 3.41 -6.78
N GLN A 87 -3.22 3.96 -7.89
CA GLN A 87 -3.01 3.16 -9.09
C GLN A 87 -1.99 2.07 -8.81
N GLY A 88 -2.33 0.85 -9.16
CA GLY A 88 -1.48 -0.30 -8.95
C GLY A 88 -1.47 -0.80 -7.53
N LYS A 89 -2.29 -0.24 -6.64
CA LYS A 89 -2.26 -0.56 -5.24
C LYS A 89 -3.55 -1.17 -4.77
N VAL A 90 -3.42 -2.01 -3.74
CA VAL A 90 -4.54 -2.35 -2.88
C VAL A 90 -4.65 -1.34 -1.76
N LEU A 91 -5.86 -1.16 -1.22
CA LEU A 91 -6.04 -0.32 -0.04
C LEU A 91 -5.94 -1.18 1.20
N VAL A 92 -5.17 -0.71 2.17
CA VAL A 92 -5.11 -1.33 3.49
C VAL A 92 -5.65 -0.36 4.50
N GLY A 93 -6.44 -0.88 5.46
CA GLY A 93 -6.93 0.00 6.51
C GLY A 93 -5.83 0.51 7.37
N TRP A 94 -5.76 1.82 7.53
CA TRP A 94 -4.82 2.43 8.45
C TRP A 94 -5.09 1.93 9.86
N ASN A 95 -4.02 1.73 10.60
CA ASN A 95 -4.11 1.19 11.93
C ASN A 95 -3.86 2.26 12.99
N GLU A 96 -4.83 2.43 13.89
CA GLU A 96 -4.64 3.33 15.00
C GLU A 96 -3.62 2.80 15.98
N ASP A 97 -3.30 1.50 15.95
CA ASP A 97 -2.26 0.92 16.78
C ASP A 97 -0.88 1.17 16.16
N ILE A 98 -0.14 2.08 16.83
CA ILE A 98 1.14 2.50 16.28
C ILE A 98 2.19 1.45 16.19
N SER A 99 1.95 0.37 16.87
CA SER A 99 2.90 -0.73 16.77
C SER A 99 2.76 -1.54 15.50
N ASP A 100 1.79 -1.31 14.67
CA ASP A 100 1.70 -2.03 13.40
C ASP A 100 2.90 -1.65 12.55
N PRO A 101 3.74 -2.56 12.11
CA PRO A 101 4.99 -2.19 11.42
C PRO A 101 4.81 -1.80 9.96
N ASN A 102 3.61 -1.99 9.44
CA ASN A 102 3.36 -1.71 8.03
C ASN A 102 2.31 -0.61 7.83
N PHE A 103 1.26 -0.59 8.64
CA PHE A 103 0.03 0.09 8.25
C PHE A 103 -0.41 1.22 9.19
N ALA A 104 0.47 1.63 10.08
CA ALA A 104 0.25 2.75 10.96
C ALA A 104 1.00 4.01 10.59
N LEU A 105 2.28 3.88 10.26
CA LEU A 105 3.16 5.03 10.13
C LEU A 105 3.48 5.33 8.68
N ASN A 106 3.40 6.60 8.33
CA ASN A 106 3.42 7.04 6.95
C ASN A 106 4.84 7.39 6.49
N ASN A 107 5.44 6.46 5.76
CA ASN A 107 6.76 6.66 5.16
C ASN A 107 6.84 7.80 4.19
N ASN A 108 5.72 8.30 3.72
CA ASN A 108 5.65 9.44 2.80
C ASN A 108 5.53 10.78 3.50
N ASP A 109 5.54 10.78 4.84
CA ASP A 109 5.38 12.01 5.59
C ASP A 109 6.28 11.93 6.82
N LEU A 110 7.55 12.28 6.59
CA LEU A 110 8.58 12.19 7.59
C LEU A 110 8.89 13.56 8.20
N ASP A 111 9.21 13.56 9.48
CA ASP A 111 9.58 14.76 10.16
C ASP A 111 11.06 15.02 9.93
N SER A 112 11.61 16.00 10.60
CA SER A 112 12.98 16.43 10.34
C SER A 112 14.00 15.37 10.76
N GLY A 113 13.62 14.48 11.64
CA GLY A 113 14.50 13.37 12.01
C GLY A 113 14.26 12.14 11.18
N GLY A 114 13.42 12.18 10.16
CA GLY A 114 13.11 11.03 9.36
C GLY A 114 12.04 10.14 9.93
N ASN A 115 11.29 10.62 10.90
CA ASN A 115 10.30 9.78 11.59
C ASN A 115 8.92 9.95 10.95
N PRO A 116 8.27 8.86 10.64
CA PRO A 116 6.97 8.93 9.93
C PRO A 116 5.83 9.31 10.84
N SER A 117 4.87 10.04 10.25
CA SER A 117 3.68 10.42 10.98
C SER A 117 2.70 9.27 11.14
N HIS A 118 1.85 9.36 12.12
CA HIS A 118 0.80 8.37 12.36
C HIS A 118 -0.45 8.80 11.60
N THR A 119 -0.35 8.66 10.27
CA THR A 119 -1.38 9.05 9.35
C THR A 119 -1.52 7.99 8.27
N ALA A 120 -2.68 8.03 7.62
CA ALA A 120 -2.90 7.24 6.42
C ALA A 120 -2.13 7.84 5.26
N GLY A 121 -1.76 7.00 4.31
CA GLY A 121 -1.01 7.35 3.13
C GLY A 121 0.33 6.66 3.04
N GLY A 122 0.70 5.87 4.03
CA GLY A 122 1.85 5.03 3.92
C GLY A 122 1.70 4.08 2.72
N THR A 123 2.82 3.77 2.12
CA THR A 123 2.87 2.87 0.97
C THR A 123 3.96 1.87 1.19
N GLY A 124 3.90 0.75 0.46
CA GLY A 124 4.89 -0.29 0.49
C GLY A 124 4.42 -1.47 -0.32
N GLY A 125 5.06 -2.61 -0.10
CA GLY A 125 4.72 -3.83 -0.78
C GLY A 125 5.42 -3.99 -2.09
N SER A 126 5.33 -5.25 -2.60
CA SER A 126 6.08 -5.63 -3.78
C SER A 126 5.27 -6.60 -4.64
N THR A 127 5.40 -6.50 -5.96
CA THR A 127 4.70 -7.39 -6.85
C THR A 127 5.31 -8.79 -6.93
N SER A 128 6.57 -8.92 -6.58
CA SER A 128 7.26 -10.24 -6.66
C SER A 128 8.31 -10.25 -5.58
N VAL A 129 8.84 -11.45 -5.35
CA VAL A 129 9.99 -11.66 -4.50
C VAL A 129 10.99 -12.52 -5.28
N THR A 130 12.26 -12.26 -5.03
CA THR A 130 13.35 -13.07 -5.55
C THR A 130 14.10 -13.59 -4.34
N LEU A 131 14.09 -14.91 -4.17
CA LEU A 131 14.71 -15.52 -3.01
C LEU A 131 16.23 -15.31 -3.03
N GLU A 132 16.76 -15.11 -1.85
CA GLU A 132 18.18 -15.05 -1.63
C GLU A 132 18.57 -16.14 -0.63
N ASN A 133 19.88 -16.39 -0.54
CA ASN A 133 20.34 -17.45 0.35
C ASN A 133 19.91 -17.20 1.78
N THR A 134 19.84 -15.97 2.23
CA THR A 134 19.45 -15.68 3.61
C THR A 134 18.05 -16.13 3.96
N ASN A 135 17.17 -16.30 2.92
CA ASN A 135 15.79 -16.73 3.13
C ASN A 135 15.67 -18.25 3.23
N LEU A 136 16.71 -19.01 2.97
CA LEU A 136 16.56 -20.44 2.92
C LEU A 136 16.82 -21.08 4.27
N PRO A 137 16.01 -22.07 4.65
CA PRO A 137 16.24 -22.79 5.90
C PRO A 137 17.41 -23.75 5.74
N ALA A 138 17.85 -24.27 6.87
CA ALA A 138 18.89 -25.30 6.84
C ALA A 138 18.38 -26.53 6.11
N THR A 139 19.26 -27.13 5.33
CA THR A 139 18.96 -28.37 4.67
C THR A 139 20.16 -29.30 4.80
N GLU A 140 19.97 -30.56 4.41
CA GLU A 140 21.10 -31.49 4.31
C GLU A 140 20.83 -32.45 3.17
N THR A 141 21.91 -33.07 2.68
CA THR A 141 21.80 -34.09 1.69
C THR A 141 20.99 -35.24 2.21
N ASP A 142 20.28 -35.88 1.25
CA ASP A 142 19.44 -37.04 1.56
C ASP A 142 20.27 -38.27 2.02
N GLU A 143 21.45 -38.41 1.47
CA GLU A 143 22.40 -39.48 1.78
C GLU A 143 23.67 -38.92 2.37
N GLU A 144 24.42 -39.79 3.04
CA GLU A 144 25.72 -39.41 3.53
C GLU A 144 26.69 -39.27 2.37
N VAL A 145 27.61 -38.30 2.54
CA VAL A 145 28.68 -38.08 1.60
C VAL A 145 29.98 -38.03 2.43
N LEU A 146 31.11 -37.92 1.76
CA LEU A 146 32.42 -37.73 2.41
C LEU A 146 32.70 -36.25 2.59
N ILE A 147 32.82 -35.85 3.85
CA ILE A 147 32.99 -34.45 4.21
C ILE A 147 34.37 -34.26 4.82
N VAL A 148 35.11 -33.26 4.37
CA VAL A 148 36.38 -32.93 4.97
C VAL A 148 36.22 -32.65 6.42
N ASP A 149 37.03 -33.25 7.28
CA ASP A 149 36.87 -33.02 8.72
C ASP A 149 38.18 -33.24 9.43
N GLU A 150 38.76 -32.16 9.98
CA GLU A 150 40.02 -32.28 10.70
C GLU A 150 39.79 -33.26 11.83
N ASN A 151 38.60 -33.49 12.38
CA ASN A 151 38.32 -34.40 13.47
C ASN A 151 37.80 -35.74 12.95
N GLY A 152 37.86 -35.96 11.64
CA GLY A 152 37.30 -37.13 10.98
C GLY A 152 38.09 -38.37 11.35
N SER A 153 37.48 -39.54 11.09
CA SER A 153 38.18 -40.79 11.31
C SER A 153 38.39 -41.51 9.99
N VAL A 154 37.79 -41.07 8.94
CA VAL A 154 37.87 -41.75 7.64
C VAL A 154 39.07 -41.21 6.86
N ILE A 155 39.94 -42.19 6.52
CA ILE A 155 41.08 -41.78 5.79
C ILE A 155 40.94 -42.16 4.32
N VAL A 156 41.13 -41.19 3.47
CA VAL A 156 41.11 -41.13 2.03
C VAL A 156 42.50 -40.65 1.62
N TYR A 170 38.12 -43.06 -12.91
CA TYR A 170 38.78 -42.39 -14.09
C TYR A 170 39.22 -40.96 -13.86
N THR A 171 38.64 -40.23 -12.90
CA THR A 171 38.74 -38.86 -12.55
C THR A 171 39.43 -38.83 -11.17
N LYS A 172 39.97 -37.63 -11.01
CA LYS A 172 40.35 -37.29 -9.68
C LYS A 172 39.14 -36.56 -9.08
N TYR A 173 39.44 -35.97 -7.92
CA TYR A 173 38.51 -35.20 -7.12
C TYR A 173 39.12 -33.88 -6.72
N ARG A 174 38.29 -33.01 -6.29
CA ARG A 174 38.72 -31.86 -5.52
C ARG A 174 37.98 -31.79 -4.20
N GLU A 175 38.65 -31.15 -3.24
CA GLU A 175 38.08 -30.87 -1.96
C GLU A 175 37.50 -29.46 -2.00
N ALA A 176 36.16 -29.33 -1.96
CA ALA A 176 35.57 -28.01 -2.07
C ALA A 176 34.12 -28.12 -1.62
N LYS A 177 33.57 -26.95 -1.29
CA LYS A 177 32.12 -26.86 -1.06
C LYS A 177 31.42 -27.13 -2.37
N ALA A 178 30.40 -27.96 -2.33
CA ALA A 178 29.68 -28.33 -3.55
C ALA A 178 28.53 -27.37 -3.78
N SER A 179 28.48 -26.75 -4.91
CA SER A 179 27.39 -25.84 -5.26
C SER A 179 26.14 -26.61 -5.70
N THR A 180 25.01 -25.90 -5.52
CA THR A 180 23.73 -26.24 -6.09
C THR A 180 23.20 -25.01 -6.77
N ASN A 181 22.71 -25.12 -7.98
CA ASN A 181 22.06 -24.01 -8.66
C ASN A 181 22.98 -22.83 -8.85
N SER A 182 24.28 -23.11 -9.15
CA SER A 182 25.27 -22.03 -9.26
C SER A 182 24.91 -21.02 -10.34
N THR A 183 24.14 -21.41 -11.34
CA THR A 183 23.84 -20.47 -12.44
C THR A 183 22.63 -19.61 -12.11
N HIS A 184 21.98 -19.75 -10.96
CA HIS A 184 20.77 -18.99 -10.66
C HIS A 184 21.12 -17.65 -10.02
N THR A 185 21.57 -16.77 -10.90
CA THR A 185 22.12 -15.49 -10.49
C THR A 185 21.52 -14.41 -11.36
N PRO A 186 20.31 -13.98 -11.08
CA PRO A 186 19.43 -14.42 -10.01
C PRO A 186 18.51 -15.53 -10.43
N PRO A 187 17.87 -16.15 -9.44
CA PRO A 187 16.79 -17.07 -9.73
C PRO A 187 15.57 -16.38 -10.27
N THR A 188 14.60 -17.14 -10.74
CA THR A 188 13.31 -16.69 -11.24
C THR A 188 12.53 -16.13 -10.05
N SER A 189 11.95 -14.93 -10.22
CA SER A 189 11.12 -14.37 -9.19
C SER A 189 9.81 -15.13 -9.04
N ILE A 190 9.16 -14.89 -7.90
CA ILE A 190 7.89 -15.52 -7.57
C ILE A 190 6.84 -14.40 -7.39
N THR A 191 5.62 -14.64 -7.85
CA THR A 191 4.56 -13.66 -7.63
C THR A 191 4.36 -13.43 -6.14
N ASN A 192 4.01 -12.17 -5.84
CA ASN A 192 3.59 -11.78 -4.52
C ASN A 192 2.19 -11.18 -4.57
N ILE A 193 1.43 -11.42 -5.59
CA ILE A 193 0.11 -10.80 -5.81
C ILE A 193 -0.99 -11.82 -5.58
N GLN A 194 -1.93 -11.55 -4.68
CA GLN A 194 -3.05 -12.42 -4.38
C GLN A 194 -4.16 -12.15 -5.38
N PRO A 195 -5.20 -12.97 -5.44
CA PRO A 195 -6.20 -12.78 -6.51
C PRO A 195 -6.82 -11.41 -6.47
N TYR A 196 -6.87 -10.79 -7.62
CA TYR A 196 -7.33 -9.39 -7.77
C TYR A 196 -8.22 -9.22 -8.96
N ILE A 197 -8.94 -8.09 -8.96
CA ILE A 197 -9.53 -7.47 -10.12
C ILE A 197 -9.23 -5.99 -10.02
N THR A 198 -8.94 -5.34 -11.13
CA THR A 198 -8.72 -3.89 -11.12
C THR A 198 -10.06 -3.15 -11.31
N VAL A 199 -10.09 -1.96 -10.72
CA VAL A 199 -11.22 -1.04 -10.79
C VAL A 199 -10.68 0.38 -10.99
N TYR A 200 -11.54 1.29 -11.52
CA TYR A 200 -11.19 2.68 -11.58
C TYR A 200 -11.40 3.30 -10.21
N ARG A 201 -10.32 3.70 -9.53
CA ARG A 201 -10.37 4.23 -8.19
C ARG A 201 -9.98 5.68 -8.18
N TRP A 202 -10.77 6.51 -7.49
CA TRP A 202 -10.65 7.92 -7.46
C TRP A 202 -10.68 8.46 -6.04
N ILE A 203 -10.06 9.61 -5.85
CA ILE A 203 -10.17 10.41 -4.62
C ILE A 203 -10.82 11.73 -4.97
N ARG A 204 -11.72 12.18 -4.11
CA ARG A 204 -12.27 13.55 -4.27
C ARG A 204 -11.26 14.51 -3.69
N ILE A 205 -10.72 15.38 -4.55
CA ILE A 205 -9.68 16.31 -4.14
C ILE A 205 -10.19 17.70 -3.78
N ALA A 206 -11.40 18.04 -4.23
CA ALA A 206 -12.00 19.36 -3.91
C ALA A 206 -13.49 19.26 -4.22
#